data_3M42
#
_entry.id   3M42
#
_cell.length_a   103.200
_cell.length_b   103.200
_cell.length_c   166.600
_cell.angle_alpha   90.00
_cell.angle_beta   90.00
_cell.angle_gamma   120.00
#
_symmetry.space_group_name_H-M   'P 63 2 2'
#
loop_
_entity.id
_entity.type
_entity.pdbx_description
1 polymer 'MAP kinase-activated protein kinase 2'
2 non-polymer 'MAGNESIUM ION'
3 non-polymer "2-[5-(2-methoxyethoxy)pyridin-3-yl]-8,9,10,11-tetrahydro-7H-pyrido[3',4':4,5]pyrrolo[2,3-f]isoquinolin-7-one"
4 water water
#
_entity_poly.entity_id   1
_entity_poly.type   'polypeptide(L)'
_entity_poly.pdbx_seq_one_letter_code
;GPHVKSGLQIKKNAIIDDYKVTSQVLGLGINGKVLQIFNKRTQEKFALKMLQDCPKARREVELHWRASQCPHIVRIVDVY
ENLYAGRKCLLIVMECLDGGELFSRIQDRGDQAFTEREASEIMKSIGEAIQYLHSINIAHRDVKPENLLYTSKRPNAILK
LTDFGFAKETTGEKYDKSCDMWSLGVIMYILLCGYPPFYSNHGLAISPGMKTRIRMGQYEFPNPEWSEVSEEVKMLIRNL
LKTEPTQRMTITEFMNHPWIMQSTKVPQTPLHTSRVLKEDKERWEDVKEEMTSALATMR
;
_entity_poly.pdbx_strand_id   A
#
loop_
_chem_comp.id
_chem_comp.type
_chem_comp.name
_chem_comp.formula
HGF non-polymer 2-[5-(2-methoxyethoxy)pyridin-3-yl]-8,9,10,11-tetrahydro-7H-pyrido[3',4':4,5]pyrrolo[2,3-f]isoquinolin-7-one 'C22 H20 N4 O3'
MG non-polymer 'MAGNESIUM ION' 'Mg 2'
#
# COMPACT_ATOMS: atom_id res chain seq x y z
N HIS A 3 20.04 8.02 -17.11
CA HIS A 3 19.89 8.28 -15.65
C HIS A 3 20.53 7.19 -14.80
N VAL A 4 21.43 7.59 -13.89
CA VAL A 4 22.25 6.67 -13.13
C VAL A 4 22.07 6.85 -11.63
N LYS A 5 21.64 5.79 -10.96
CA LYS A 5 21.53 5.78 -9.50
C LYS A 5 22.56 4.83 -8.91
N SER A 6 23.04 5.13 -7.70
CA SER A 6 24.09 4.34 -7.09
C SER A 6 23.55 3.07 -6.41
N GLY A 7 24.43 2.08 -6.26
CA GLY A 7 24.01 0.80 -5.74
C GLY A 7 24.12 0.73 -4.24
N LEU A 8 23.51 -0.29 -3.66
CA LEU A 8 23.39 -0.42 -2.22
C LEU A 8 24.71 -0.83 -1.56
N GLN A 9 25.19 0.00 -0.65
CA GLN A 9 26.35 -0.34 0.15
C GLN A 9 25.89 -0.84 1.51
N ILE A 10 26.01 -2.14 1.73
CA ILE A 10 25.54 -2.73 2.99
C ILE A 10 26.59 -2.62 4.09
N LYS A 11 26.20 -2.03 5.22
CA LYS A 11 27.10 -1.88 6.36
C LYS A 11 27.31 -3.18 7.13
N LYS A 12 28.52 -3.38 7.65
CA LYS A 12 28.85 -4.61 8.35
C LYS A 12 29.01 -4.45 9.86
N ASN A 13 29.16 -3.21 10.33
CA ASN A 13 29.33 -3.00 11.77
C ASN A 13 28.05 -3.26 12.53
N ALA A 14 28.16 -3.43 13.84
CA ALA A 14 26.99 -3.70 14.68
C ALA A 14 26.04 -2.52 14.60
N ILE A 15 24.76 -2.80 14.30
CA ILE A 15 23.80 -1.71 14.13
C ILE A 15 23.68 -0.95 15.45
N ILE A 16 23.83 -1.66 16.56
CA ILE A 16 23.68 -1.07 17.89
C ILE A 16 24.80 -0.09 18.20
N ASP A 17 25.83 -0.05 17.37
CA ASP A 17 26.84 0.99 17.48
C ASP A 17 26.26 2.32 17.01
N ASP A 18 25.10 2.24 16.37
CA ASP A 18 24.53 3.42 15.72
C ASP A 18 23.13 3.75 16.22
N TYR A 19 22.38 2.74 16.63
CA TYR A 19 20.99 2.92 16.99
C TYR A 19 20.68 2.27 18.33
N LYS A 20 19.82 2.91 19.12
CA LYS A 20 19.19 2.23 20.24
C LYS A 20 18.02 1.46 19.65
N VAL A 21 17.94 0.17 19.98
CA VAL A 21 16.92 -0.69 19.37
C VAL A 21 15.91 -1.12 20.43
N THR A 22 14.70 -0.58 20.35
CA THR A 22 13.69 -0.86 21.37
C THR A 22 12.99 -2.18 21.07
N SER A 23 11.87 -2.39 21.75
CA SER A 23 11.16 -3.66 21.69
C SER A 23 9.73 -3.51 21.18
N GLN A 24 9.37 -2.28 20.78
CA GLN A 24 8.00 -2.02 20.37
C GLN A 24 7.74 -2.33 18.90
N VAL A 25 6.73 -3.14 18.64
CA VAL A 25 6.34 -3.47 17.27
C VAL A 25 5.68 -2.27 16.60
N LEU A 26 5.99 -2.05 15.33
CA LEU A 26 5.37 -0.99 14.54
C LEU A 26 4.55 -1.61 13.42
N GLY A 27 4.60 -2.93 13.33
CA GLY A 27 3.83 -3.64 12.32
C GLY A 27 4.32 -5.06 12.15
N LEU A 28 3.60 -5.85 11.37
CA LEU A 28 4.04 -7.21 11.05
C LEU A 28 4.10 -7.43 9.55
N GLY A 29 5.28 -7.82 9.09
CA GLY A 29 5.52 -7.95 7.67
C GLY A 29 5.51 -9.37 7.18
N ILE A 30 5.80 -9.53 5.89
CA ILE A 30 5.75 -10.83 5.24
C ILE A 30 6.79 -11.78 5.82
N ASN A 31 8.00 -11.26 6.04
CA ASN A 31 9.08 -12.06 6.58
C ASN A 31 9.69 -11.40 7.81
N GLY A 32 8.85 -11.07 8.79
CA GLY A 32 9.37 -10.57 10.04
C GLY A 32 8.52 -9.52 10.73
N LYS A 33 9.20 -8.70 11.52
CA LYS A 33 8.56 -7.75 12.41
C LYS A 33 9.27 -6.41 12.26
N VAL A 34 8.53 -5.32 12.42
CA VAL A 34 9.13 -3.99 12.34
C VAL A 34 9.19 -3.37 13.73
N LEU A 35 10.34 -2.80 14.09
CA LEU A 35 10.57 -2.32 15.45
C LEU A 35 10.91 -0.84 15.46
N GLN A 36 10.78 -0.22 16.63
CA GLN A 36 11.11 1.17 16.82
C GLN A 36 12.56 1.33 17.25
N ILE A 37 13.31 2.21 16.61
CA ILE A 37 14.68 2.51 17.04
C ILE A 37 14.96 4.00 16.92
N PHE A 38 16.08 4.42 17.51
CA PHE A 38 16.48 5.82 17.48
C PHE A 38 17.94 5.91 17.07
N ASN A 39 18.25 6.87 16.22
CA ASN A 39 19.62 7.23 15.95
C ASN A 39 20.17 7.72 17.28
N LYS A 40 21.47 7.55 17.51
CA LYS A 40 22.06 7.98 18.77
C LYS A 40 22.63 9.38 18.67
N ARG A 41 23.28 9.66 17.54
CA ARG A 41 23.93 10.94 17.33
C ARG A 41 22.94 12.06 16.96
N THR A 42 21.72 11.69 16.56
CA THR A 42 20.70 12.69 16.27
C THR A 42 19.44 12.47 17.09
N GLN A 43 19.40 11.37 17.84
CA GLN A 43 18.26 11.06 18.70
C GLN A 43 16.97 10.85 17.92
N GLU A 44 17.06 10.93 16.58
CA GLU A 44 15.91 10.80 15.71
C GLU A 44 15.36 9.38 15.64
N LYS A 45 14.06 9.27 15.34
CA LYS A 45 13.36 7.99 15.39
C LYS A 45 13.30 7.34 14.01
N PHE A 46 13.29 6.01 13.97
CA PHE A 46 13.35 5.24 12.73
C PHE A 46 12.71 3.87 12.86
N ALA A 47 12.44 3.22 11.75
CA ALA A 47 11.92 1.85 11.78
C ALA A 47 12.97 0.85 11.33
N LEU A 48 12.93 -0.35 11.91
CA LEU A 48 13.87 -1.40 11.55
C LEU A 48 13.16 -2.67 11.12
N LYS A 49 13.49 -3.16 9.94
CA LYS A 49 13.02 -4.49 9.53
C LYS A 49 14.17 -5.48 9.63
N MET A 50 13.90 -6.65 10.20
CA MET A 50 14.89 -7.71 10.30
C MET A 50 14.49 -8.89 9.41
N LEU A 51 15.31 -9.18 8.40
CA LEU A 51 15.10 -10.34 7.55
C LEU A 51 16.25 -11.31 7.80
N GLN A 52 15.96 -12.60 7.83
CA GLN A 52 17.04 -13.57 7.93
C GLN A 52 17.74 -13.62 6.57
N ASP A 53 19.06 -13.45 6.58
CA ASP A 53 19.79 -13.37 5.33
C ASP A 53 19.54 -14.60 4.48
N CYS A 54 19.32 -14.40 3.19
CA CYS A 54 19.12 -15.47 2.23
C CYS A 54 18.83 -14.83 0.88
N PRO A 55 18.89 -15.63 -0.20
CA PRO A 55 18.76 -15.07 -1.55
C PRO A 55 17.46 -14.30 -1.74
N LYS A 56 16.40 -14.74 -1.06
CA LYS A 56 15.10 -14.10 -1.18
C LYS A 56 15.17 -12.72 -0.52
N ALA A 57 15.56 -12.67 0.75
CA ALA A 57 15.68 -11.39 1.44
C ALA A 57 16.60 -10.46 0.66
N ARG A 58 17.66 -11.02 0.09
CA ARG A 58 18.61 -10.22 -0.68
C ARG A 58 17.93 -9.52 -1.85
N ARG A 59 17.01 -10.22 -2.51
CA ARG A 59 16.32 -9.64 -3.65
C ARG A 59 15.25 -8.66 -3.22
N GLU A 60 14.68 -8.87 -2.03
CA GLU A 60 13.71 -7.93 -1.49
C GLU A 60 14.39 -6.59 -1.20
N VAL A 61 15.54 -6.66 -0.53
CA VAL A 61 16.33 -5.46 -0.23
C VAL A 61 16.77 -4.72 -1.49
N GLU A 62 17.20 -5.45 -2.51
CA GLU A 62 17.66 -4.82 -3.74
C GLU A 62 16.51 -4.11 -4.46
N LEU A 63 15.43 -4.84 -4.71
CA LEU A 63 14.30 -4.24 -5.39
C LEU A 63 13.78 -3.03 -4.63
N HIS A 64 13.72 -3.14 -3.30
CA HIS A 64 13.22 -2.05 -2.49
C HIS A 64 14.16 -0.85 -2.59
N TRP A 65 15.45 -1.13 -2.73
CA TRP A 65 16.46 -0.07 -2.88
C TRP A 65 16.29 0.68 -4.18
N ARG A 66 16.02 -0.04 -5.27
CA ARG A 66 15.77 0.61 -6.55
C ARG A 66 14.60 1.58 -6.46
N ALA A 67 13.65 1.28 -5.57
CA ALA A 67 12.41 2.03 -5.47
C ALA A 67 12.51 3.15 -4.44
N SER A 68 13.56 3.13 -3.64
CA SER A 68 13.57 3.89 -2.39
C SER A 68 13.27 5.37 -2.55
N GLN A 69 13.77 5.96 -3.63
CA GLN A 69 13.72 7.41 -3.77
C GLN A 69 12.38 7.92 -4.30
N CYS A 70 11.53 7.00 -4.76
CA CYS A 70 10.16 7.38 -5.10
C CYS A 70 9.46 8.05 -3.92
N PRO A 71 8.90 9.25 -4.15
CA PRO A 71 8.29 10.09 -3.12
C PRO A 71 7.17 9.39 -2.34
N HIS A 72 6.63 8.34 -2.93
CA HIS A 72 5.50 7.64 -2.33
C HIS A 72 5.79 6.18 -1.94
N ILE A 73 7.07 5.82 -1.95
CA ILE A 73 7.51 4.53 -1.42
C ILE A 73 8.37 4.76 -0.18
N VAL A 74 8.19 3.96 0.86
CA VAL A 74 8.96 4.16 2.08
C VAL A 74 10.45 4.13 1.77
N ARG A 75 11.21 5.01 2.42
CA ARG A 75 12.62 5.19 2.11
C ARG A 75 13.51 4.31 2.97
N ILE A 76 14.53 3.74 2.34
CA ILE A 76 15.56 2.99 3.04
C ILE A 76 16.71 3.91 3.41
N VAL A 77 17.04 3.96 4.70
CA VAL A 77 18.11 4.82 5.18
C VAL A 77 19.48 4.13 5.14
N ASP A 78 19.52 2.89 5.61
CA ASP A 78 20.72 2.06 5.55
C ASP A 78 20.33 0.60 5.67
N VAL A 79 21.22 -0.28 5.24
CA VAL A 79 21.05 -1.71 5.45
C VAL A 79 22.28 -2.32 6.11
N TYR A 80 22.05 -3.07 7.20
CA TYR A 80 23.14 -3.70 7.94
C TYR A 80 23.13 -5.21 7.76
N GLU A 81 24.33 -5.79 7.74
CA GLU A 81 24.49 -7.23 7.76
C GLU A 81 25.14 -7.63 9.09
N ASN A 82 24.35 -8.22 9.99
CA ASN A 82 24.78 -8.50 11.37
C ASN A 82 24.38 -9.91 11.77
N LEU A 83 25.06 -10.47 12.77
CA LEU A 83 24.49 -11.60 13.49
C LEU A 83 23.62 -11.01 14.61
N TYR A 84 22.35 -11.39 14.62
CA TYR A 84 21.38 -10.80 15.51
C TYR A 84 20.63 -11.92 16.21
N ALA A 85 21.02 -12.18 17.46
CA ALA A 85 20.44 -13.31 18.19
C ALA A 85 20.78 -14.61 17.47
N GLY A 86 22.06 -14.80 17.16
CA GLY A 86 22.50 -16.05 16.58
C GLY A 86 21.88 -16.44 15.24
N ARG A 87 21.26 -15.47 14.57
CA ARG A 87 20.89 -15.66 13.17
C ARG A 87 21.54 -14.55 12.36
N LYS A 88 21.95 -14.86 11.14
CA LYS A 88 22.54 -13.85 10.28
C LYS A 88 21.42 -13.08 9.56
N CYS A 89 21.43 -11.77 9.70
CA CYS A 89 20.29 -10.96 9.29
C CYS A 89 20.65 -9.80 8.39
N LEU A 90 19.73 -9.43 7.52
CA LEU A 90 19.76 -8.11 6.91
C LEU A 90 18.89 -7.20 7.75
N LEU A 91 19.48 -6.15 8.28
CA LEU A 91 18.74 -5.17 9.07
C LEU A 91 18.47 -3.93 8.23
N ILE A 92 17.19 -3.60 8.06
CA ILE A 92 16.79 -2.52 7.17
C ILE A 92 16.23 -1.32 7.94
N VAL A 93 16.97 -0.21 7.91
CA VAL A 93 16.56 1.00 8.58
C VAL A 93 15.74 1.83 7.61
N MET A 94 14.52 2.16 7.99
CA MET A 94 13.62 2.92 7.13
C MET A 94 13.09 4.17 7.82
N GLU A 95 12.59 5.10 7.02
CA GLU A 95 11.96 6.29 7.57
C GLU A 95 10.73 5.89 8.37
N CYS A 96 10.47 6.62 9.45
CA CYS A 96 9.36 6.30 10.34
C CYS A 96 8.07 6.92 9.84
N LEU A 97 6.97 6.17 9.91
CA LEU A 97 5.69 6.62 9.35
C LEU A 97 4.59 6.65 10.42
N ASP A 98 4.43 7.79 11.09
CA ASP A 98 3.57 7.91 12.26
C ASP A 98 2.10 8.03 11.91
N GLY A 99 1.81 8.56 10.73
CA GLY A 99 0.43 8.83 10.37
C GLY A 99 -0.51 7.66 10.57
N GLY A 100 0.01 6.45 10.38
CA GLY A 100 -0.85 5.28 10.49
C GLY A 100 -1.28 4.72 9.14
N GLU A 101 -2.13 3.70 9.18
CA GLU A 101 -2.61 3.03 7.97
C GLU A 101 -3.70 3.85 7.30
N LEU A 102 -3.69 3.84 5.97
CA LEU A 102 -4.62 4.63 5.17
C LEU A 102 -6.05 4.61 5.73
N PHE A 103 -6.68 3.44 5.75
CA PHE A 103 -8.11 3.38 6.03
C PHE A 103 -8.43 3.60 7.49
N SER A 104 -7.43 3.37 8.34
CA SER A 104 -7.58 3.65 9.75
C SER A 104 -7.79 5.16 9.95
N ARG A 105 -7.03 5.95 9.20
CA ARG A 105 -7.13 7.40 9.29
C ARG A 105 -8.46 7.92 8.75
N ILE A 106 -8.97 7.29 7.71
CA ILE A 106 -10.25 7.68 7.14
C ILE A 106 -11.39 7.31 8.08
N GLN A 107 -11.26 6.15 8.72
CA GLN A 107 -12.30 5.63 9.59
C GLN A 107 -12.39 6.45 10.88
N ASP A 108 -11.32 7.17 11.21
CA ASP A 108 -11.23 7.92 12.46
C ASP A 108 -11.61 9.39 12.28
N ARG A 109 -12.27 9.70 11.16
CA ARG A 109 -12.67 11.08 10.92
C ARG A 109 -13.96 11.42 11.66
N GLY A 110 -13.87 12.39 12.56
CA GLY A 110 -14.94 12.63 13.51
C GLY A 110 -16.24 13.12 12.89
N ASP A 111 -16.13 13.82 11.77
CA ASP A 111 -17.32 14.34 11.10
C ASP A 111 -17.82 13.34 10.05
N GLN A 112 -16.92 12.47 9.61
CA GLN A 112 -17.26 11.41 8.67
C GLN A 112 -17.50 11.92 7.24
N ALA A 113 -16.89 13.05 6.90
CA ALA A 113 -17.06 13.64 5.57
C ALA A 113 -15.85 13.41 4.65
N PHE A 114 -15.87 12.30 3.94
CA PHE A 114 -14.83 11.96 2.97
C PHE A 114 -15.40 12.22 1.57
N THR A 115 -14.66 12.96 0.74
CA THR A 115 -15.17 13.32 -0.58
C THR A 115 -14.47 12.62 -1.75
N GLU A 116 -15.22 12.41 -2.83
CA GLU A 116 -14.70 11.79 -4.03
C GLU A 116 -13.35 12.41 -4.43
N ARG A 117 -13.18 13.69 -4.17
CA ARG A 117 -11.96 14.37 -4.59
C ARG A 117 -10.77 13.86 -3.81
N GLU A 118 -11.00 13.54 -2.54
CA GLU A 118 -9.95 13.02 -1.70
C GLU A 118 -9.58 11.59 -2.11
N ALA A 119 -10.60 10.78 -2.40
CA ALA A 119 -10.35 9.44 -2.88
C ALA A 119 -9.42 9.52 -4.09
N SER A 120 -9.63 10.54 -4.90
CA SER A 120 -8.90 10.68 -6.14
C SER A 120 -7.44 10.99 -5.87
N GLU A 121 -7.18 11.93 -4.97
CA GLU A 121 -5.82 12.33 -4.68
C GLU A 121 -5.05 11.18 -4.04
N ILE A 122 -5.72 10.43 -3.18
CA ILE A 122 -5.10 9.27 -2.58
C ILE A 122 -4.77 8.26 -3.68
N MET A 123 -5.72 8.01 -4.58
CA MET A 123 -5.48 7.04 -5.64
C MET A 123 -4.35 7.49 -6.56
N LYS A 124 -4.17 8.81 -6.67
CA LYS A 124 -3.13 9.34 -7.52
C LYS A 124 -1.75 9.08 -6.90
N SER A 125 -1.67 9.18 -5.58
CA SER A 125 -0.41 8.94 -4.87
C SER A 125 0.01 7.49 -5.00
N ILE A 126 -0.93 6.58 -4.70
CA ILE A 126 -0.64 5.16 -4.81
C ILE A 126 -0.24 4.83 -6.25
N GLY A 127 -0.93 5.43 -7.20
CA GLY A 127 -0.68 5.11 -8.60
C GLY A 127 0.69 5.56 -9.06
N GLU A 128 1.21 6.61 -8.45
CA GLU A 128 2.54 7.09 -8.80
C GLU A 128 3.61 6.10 -8.32
N ALA A 129 3.35 5.44 -7.20
CA ALA A 129 4.27 4.46 -6.67
C ALA A 129 4.29 3.24 -7.62
N ILE A 130 3.10 2.83 -8.07
CA ILE A 130 3.01 1.69 -8.96
C ILE A 130 3.66 2.02 -10.30
N GLN A 131 3.56 3.28 -10.69
CA GLN A 131 4.06 3.70 -12.00
C GLN A 131 5.60 3.74 -12.01
N TYR A 132 6.15 4.29 -10.95
CA TYR A 132 7.59 4.28 -10.74
C TYR A 132 8.09 2.85 -10.88
N LEU A 133 7.47 1.94 -10.12
CA LEU A 133 7.88 0.54 -10.09
C LEU A 133 7.76 -0.14 -11.45
N HIS A 134 6.62 0.04 -12.11
CA HIS A 134 6.36 -0.67 -13.37
C HIS A 134 7.25 -0.17 -14.50
N SER A 135 7.65 1.10 -14.43
CA SER A 135 8.48 1.66 -15.49
C SER A 135 9.93 1.18 -15.40
N ILE A 136 10.36 0.73 -14.22
CA ILE A 136 11.63 0.01 -14.13
C ILE A 136 11.44 -1.48 -13.92
N ASN A 137 10.28 -2.00 -14.37
CA ASN A 137 10.05 -3.43 -14.46
C ASN A 137 10.08 -4.20 -13.13
N ILE A 138 9.46 -3.61 -12.12
CA ILE A 138 9.22 -4.31 -10.86
C ILE A 138 7.72 -4.34 -10.62
N ALA A 139 7.21 -5.49 -10.19
CA ALA A 139 5.84 -5.58 -9.70
C ALA A 139 5.86 -5.72 -8.19
N HIS A 140 5.04 -4.93 -7.50
CA HIS A 140 4.99 -4.96 -6.04
C HIS A 140 4.31 -6.22 -5.53
N ARG A 141 3.05 -6.40 -5.94
CA ARG A 141 2.34 -7.67 -5.74
C ARG A 141 1.87 -7.90 -4.30
N ASP A 142 1.93 -6.85 -3.48
CA ASP A 142 1.33 -6.92 -2.15
C ASP A 142 0.71 -5.57 -1.76
N VAL A 143 0.13 -4.89 -2.75
CA VAL A 143 -0.53 -3.62 -2.50
C VAL A 143 -1.87 -3.85 -1.82
N LYS A 144 -1.97 -3.43 -0.56
CA LYS A 144 -3.16 -3.64 0.23
C LYS A 144 -3.13 -2.74 1.47
N PRO A 145 -4.24 -2.67 2.20
CA PRO A 145 -4.37 -1.69 3.30
C PRO A 145 -3.24 -1.62 4.31
N GLU A 146 -2.76 -2.75 4.80
CA GLU A 146 -1.73 -2.70 5.85
C GLU A 146 -0.39 -2.18 5.33
N ASN A 147 -0.25 -2.10 4.01
CA ASN A 147 1.01 -1.67 3.40
C ASN A 147 0.96 -0.24 2.87
N LEU A 148 -0.10 0.48 3.19
CA LEU A 148 -0.20 1.90 2.83
C LEU A 148 -0.27 2.76 4.09
N LEU A 149 0.83 3.45 4.40
CA LEU A 149 0.94 4.19 5.67
C LEU A 149 1.30 5.66 5.45
N TYR A 150 0.86 6.51 6.38
CA TYR A 150 1.12 7.95 6.29
C TYR A 150 2.40 8.35 7.04
N THR A 151 3.12 9.33 6.52
CA THR A 151 4.39 9.74 7.13
C THR A 151 4.21 10.37 8.50
N SER A 152 3.23 11.26 8.64
CA SER A 152 2.91 11.84 9.93
C SER A 152 1.40 11.92 10.11
N LYS A 153 0.96 12.35 11.30
CA LYS A 153 -0.47 12.51 11.58
C LYS A 153 -1.07 13.79 10.99
N ARG A 154 -0.22 14.69 10.53
CA ARG A 154 -0.69 15.91 9.89
C ARG A 154 -1.60 15.58 8.71
N PRO A 155 -2.64 16.39 8.51
CA PRO A 155 -3.54 16.19 7.36
C PRO A 155 -2.76 16.23 6.05
N ASN A 156 -1.63 16.91 6.07
CA ASN A 156 -0.82 17.12 4.87
C ASN A 156 0.23 16.02 4.67
N ALA A 157 0.22 15.03 5.55
CA ALA A 157 1.22 13.95 5.49
C ALA A 157 1.17 13.24 4.14
N ILE A 158 2.31 12.65 3.77
CA ILE A 158 2.40 11.91 2.53
C ILE A 158 2.13 10.42 2.72
N LEU A 159 1.47 9.82 1.74
CA LEU A 159 1.14 8.41 1.79
C LEU A 159 2.29 7.59 1.22
N LYS A 160 2.67 6.53 1.89
CA LYS A 160 3.78 5.71 1.41
C LYS A 160 3.50 4.21 1.33
N LEU A 161 4.00 3.59 0.26
CA LEU A 161 3.87 2.15 0.04
C LEU A 161 5.05 1.40 0.64
N THR A 162 4.76 0.30 1.32
CA THR A 162 5.76 -0.46 2.05
C THR A 162 5.76 -1.94 1.68
N ASP A 163 6.77 -2.65 2.17
CA ASP A 163 6.84 -4.12 2.14
C ASP A 163 7.08 -4.69 0.76
N PHE A 164 8.32 -5.08 0.50
CA PHE A 164 8.68 -5.64 -0.79
C PHE A 164 8.83 -7.15 -0.76
N GLY A 165 8.24 -7.77 0.25
CA GLY A 165 8.36 -9.21 0.39
C GLY A 165 7.79 -10.04 -0.74
N PHE A 166 7.09 -9.42 -1.68
CA PHE A 166 6.54 -10.17 -2.81
C PHE A 166 6.92 -9.58 -4.14
N ALA A 167 7.69 -8.50 -4.10
CA ALA A 167 8.04 -7.79 -5.33
C ALA A 167 8.97 -8.66 -6.20
N LYS A 168 8.83 -8.56 -7.52
CA LYS A 168 9.73 -9.26 -8.41
C LYS A 168 10.02 -8.46 -9.67
N GLU A 169 11.11 -8.82 -10.37
CA GLU A 169 11.40 -8.27 -11.69
C GLU A 169 10.47 -8.90 -12.73
N THR A 170 10.00 -8.10 -13.67
CA THR A 170 8.95 -8.58 -14.57
C THR A 170 9.43 -8.75 -15.99
N THR A 171 10.67 -8.34 -16.26
CA THR A 171 11.22 -8.43 -17.61
C THR A 171 10.84 -9.74 -18.29
N GLY A 172 10.04 -9.63 -19.35
CA GLY A 172 9.59 -10.82 -20.06
C GLY A 172 8.17 -11.19 -19.69
N GLU A 173 7.93 -11.47 -18.41
CA GLU A 173 6.58 -11.78 -17.93
C GLU A 173 5.89 -10.48 -17.50
N LYS A 174 5.20 -9.84 -18.44
CA LYS A 174 4.67 -8.50 -18.22
C LYS A 174 3.39 -8.51 -17.41
N TYR A 175 2.68 -9.63 -17.43
CA TYR A 175 1.40 -9.73 -16.73
C TYR A 175 1.55 -9.85 -15.22
N ASP A 176 2.77 -10.01 -14.75
CA ASP A 176 3.03 -9.92 -13.32
C ASP A 176 2.62 -8.56 -12.77
N LYS A 177 2.46 -7.58 -13.64
CA LYS A 177 2.12 -6.22 -13.22
C LYS A 177 0.62 -6.08 -12.98
N SER A 178 -0.16 -7.00 -13.54
CA SER A 178 -1.61 -6.87 -13.53
C SER A 178 -2.24 -6.91 -12.15
N CYS A 179 -1.70 -7.73 -11.27
CA CYS A 179 -2.32 -7.86 -9.96
C CYS A 179 -2.09 -6.60 -9.13
N ASP A 180 -1.11 -5.79 -9.53
CA ASP A 180 -0.93 -4.49 -8.92
C ASP A 180 -2.07 -3.56 -9.34
N MET A 181 -2.54 -3.72 -10.58
CA MET A 181 -3.59 -2.88 -11.09
C MET A 181 -4.93 -3.25 -10.47
N TRP A 182 -5.16 -4.55 -10.31
CA TRP A 182 -6.29 -5.08 -9.56
C TRP A 182 -6.32 -4.53 -8.13
N SER A 183 -5.16 -4.41 -7.51
CA SER A 183 -5.11 -3.89 -6.14
C SER A 183 -5.60 -2.45 -6.09
N LEU A 184 -5.28 -1.69 -7.14
CA LEU A 184 -5.71 -0.30 -7.24
C LEU A 184 -7.23 -0.25 -7.41
N GLY A 185 -7.76 -1.15 -8.23
CA GLY A 185 -9.20 -1.21 -8.40
C GLY A 185 -9.90 -1.46 -7.07
N VAL A 186 -9.36 -2.38 -6.28
CA VAL A 186 -9.97 -2.75 -5.01
C VAL A 186 -9.86 -1.63 -4.00
N ILE A 187 -8.70 -1.00 -3.97
CA ILE A 187 -8.47 0.06 -3.00
C ILE A 187 -9.33 1.27 -3.35
N MET A 188 -9.44 1.56 -4.64
CA MET A 188 -10.27 2.67 -5.09
C MET A 188 -11.73 2.42 -4.75
N TYR A 189 -12.19 1.20 -5.00
CA TYR A 189 -13.57 0.83 -4.68
C TYR A 189 -13.87 0.99 -3.19
N ILE A 190 -12.95 0.54 -2.33
CA ILE A 190 -13.16 0.70 -0.90
C ILE A 190 -13.16 2.18 -0.50
N LEU A 191 -12.27 2.96 -1.11
CA LEU A 191 -12.21 4.39 -0.83
C LEU A 191 -13.53 5.09 -1.17
N LEU A 192 -14.30 4.52 -2.08
CA LEU A 192 -15.49 5.20 -2.56
C LEU A 192 -16.76 4.82 -1.79
N CYS A 193 -16.77 3.67 -1.13
CA CYS A 193 -17.98 3.25 -0.44
C CYS A 193 -17.74 2.74 0.99
N GLY A 194 -16.54 2.26 1.28
CA GLY A 194 -16.27 1.74 2.61
C GLY A 194 -16.27 0.23 2.73
N TYR A 195 -16.48 -0.47 1.63
CA TYR A 195 -16.36 -1.93 1.61
C TYR A 195 -15.77 -2.45 0.29
N PRO A 196 -15.19 -3.66 0.30
CA PRO A 196 -14.58 -4.27 -0.89
C PRO A 196 -15.62 -4.83 -1.87
N PRO A 197 -15.22 -4.99 -3.15
CA PRO A 197 -16.09 -5.63 -4.15
C PRO A 197 -15.99 -7.14 -4.07
N PHE A 198 -16.15 -7.70 -2.87
CA PHE A 198 -16.01 -9.13 -2.66
C PHE A 198 -17.36 -9.78 -2.41
N TYR A 199 -17.53 -11.01 -2.88
CA TYR A 199 -18.66 -11.83 -2.49
C TYR A 199 -18.31 -12.64 -1.23
N SER A 200 -18.96 -12.33 -0.11
CA SER A 200 -18.65 -12.97 1.16
C SER A 200 -19.32 -14.35 1.27
N PRO A 208 -23.83 -13.00 11.28
CA PRO A 208 -23.51 -11.90 12.20
C PRO A 208 -24.62 -10.86 12.28
N GLY A 209 -24.41 -9.84 13.12
CA GLY A 209 -25.34 -8.72 13.18
C GLY A 209 -24.84 -7.52 12.39
N MET A 210 -24.45 -7.75 11.14
CA MET A 210 -23.97 -6.68 10.27
C MET A 210 -24.77 -6.65 8.99
N LYS A 211 -24.75 -5.50 8.31
CA LYS A 211 -25.36 -5.40 6.98
C LYS A 211 -24.54 -6.15 5.94
N THR A 212 -25.21 -6.86 5.05
CA THR A 212 -24.55 -7.39 3.88
C THR A 212 -24.53 -6.29 2.82
N ARG A 213 -23.33 -5.87 2.44
CA ARG A 213 -23.15 -4.75 1.54
C ARG A 213 -23.26 -5.17 0.07
N ILE A 214 -22.65 -6.30 -0.29
CA ILE A 214 -22.77 -6.84 -1.63
C ILE A 214 -23.31 -8.28 -1.61
N ARG A 215 -24.55 -8.45 -2.08
CA ARG A 215 -25.15 -9.78 -2.17
C ARG A 215 -24.46 -10.61 -3.25
N MET A 216 -24.31 -11.91 -2.95
CA MET A 216 -23.62 -12.83 -3.85
C MET A 216 -24.19 -12.78 -5.28
N GLY A 217 -23.35 -12.37 -6.22
CA GLY A 217 -23.72 -12.44 -7.62
C GLY A 217 -24.42 -11.19 -8.13
N GLN A 218 -24.59 -10.21 -7.27
CA GLN A 218 -25.38 -9.02 -7.60
C GLN A 218 -24.53 -7.97 -8.29
N TYR A 219 -25.19 -7.09 -9.03
CA TYR A 219 -24.55 -5.91 -9.62
C TYR A 219 -23.65 -5.26 -8.57
N GLU A 220 -22.48 -4.78 -8.99
CA GLU A 220 -21.41 -4.50 -8.03
C GLU A 220 -21.31 -3.08 -7.54
N PHE A 221 -22.26 -2.23 -7.90
CA PHE A 221 -22.28 -0.87 -7.36
C PHE A 221 -23.63 -0.55 -6.75
N PRO A 222 -23.91 -1.05 -5.55
CA PRO A 222 -25.20 -0.92 -4.87
C PRO A 222 -25.62 0.53 -4.64
N ASN A 223 -26.91 0.81 -4.85
CA ASN A 223 -27.43 2.17 -4.86
C ASN A 223 -27.28 2.98 -3.59
N PRO A 224 -27.42 2.34 -2.42
CA PRO A 224 -27.29 3.16 -1.21
C PRO A 224 -26.02 4.01 -1.23
N GLU A 225 -24.87 3.40 -1.49
CA GLU A 225 -23.62 4.15 -1.39
C GLU A 225 -23.13 4.65 -2.73
N TRP A 226 -23.58 4.01 -3.81
CA TRP A 226 -23.01 4.28 -5.12
C TRP A 226 -23.85 5.18 -6.01
N SER A 227 -25.02 5.58 -5.52
CA SER A 227 -25.99 6.25 -6.38
C SER A 227 -25.50 7.61 -6.90
N GLU A 228 -24.63 8.28 -6.16
CA GLU A 228 -24.19 9.61 -6.57
C GLU A 228 -22.82 9.59 -7.24
N VAL A 229 -22.28 8.39 -7.48
CA VAL A 229 -21.00 8.23 -8.16
C VAL A 229 -21.21 8.15 -9.67
N SER A 230 -20.35 8.80 -10.44
CA SER A 230 -20.55 8.91 -11.88
C SER A 230 -20.27 7.60 -12.60
N GLU A 231 -20.94 7.40 -13.72
CA GLU A 231 -20.71 6.25 -14.57
C GLU A 231 -19.26 6.22 -15.05
N GLU A 232 -18.66 7.40 -15.21
CA GLU A 232 -17.26 7.47 -15.58
C GLU A 232 -16.37 6.78 -14.54
N VAL A 233 -16.64 7.03 -13.26
CA VAL A 233 -15.81 6.46 -12.22
C VAL A 233 -16.03 4.95 -12.12
N LYS A 234 -17.25 4.51 -12.40
CA LYS A 234 -17.52 3.08 -12.38
C LYS A 234 -16.81 2.37 -13.53
N MET A 235 -16.68 3.05 -14.66
CA MET A 235 -16.00 2.47 -15.80
C MET A 235 -14.51 2.33 -15.52
N LEU A 236 -13.96 3.32 -14.83
CA LEU A 236 -12.55 3.27 -14.46
C LEU A 236 -12.33 2.00 -13.63
N ILE A 237 -13.21 1.78 -12.66
CA ILE A 237 -13.09 0.64 -11.76
C ILE A 237 -13.26 -0.70 -12.47
N ARG A 238 -14.23 -0.79 -13.38
CA ARG A 238 -14.42 -2.02 -14.14
C ARG A 238 -13.18 -2.35 -14.95
N ASN A 239 -12.45 -1.32 -15.38
CA ASN A 239 -11.22 -1.57 -16.13
C ASN A 239 -10.11 -2.10 -15.23
N LEU A 240 -10.06 -1.59 -14.01
CA LEU A 240 -9.05 -2.03 -13.05
C LEU A 240 -9.34 -3.45 -12.55
N LEU A 241 -10.61 -3.79 -12.43
CA LEU A 241 -11.00 -5.07 -11.86
C LEU A 241 -11.29 -6.12 -12.93
N LYS A 242 -11.05 -5.77 -14.20
CA LYS A 242 -11.31 -6.70 -15.28
C LYS A 242 -10.70 -8.06 -14.99
N THR A 243 -11.43 -9.11 -15.32
CA THR A 243 -11.07 -10.47 -14.93
C THR A 243 -9.84 -10.96 -15.69
N GLU A 244 -9.80 -10.69 -16.99
CA GLU A 244 -8.70 -11.15 -17.83
C GLU A 244 -7.53 -10.17 -17.73
N PRO A 245 -6.35 -10.67 -17.33
CA PRO A 245 -5.20 -9.75 -17.25
C PRO A 245 -4.83 -9.17 -18.62
N THR A 246 -5.22 -9.86 -19.68
CA THR A 246 -4.99 -9.38 -21.02
C THR A 246 -5.86 -8.17 -21.36
N GLN A 247 -6.83 -7.86 -20.52
CA GLN A 247 -7.78 -6.81 -20.82
C GLN A 247 -7.84 -5.75 -19.73
N ARG A 248 -7.20 -6.02 -18.60
CA ARG A 248 -7.20 -5.10 -17.47
C ARG A 248 -6.42 -3.83 -17.79
N MET A 249 -6.81 -2.72 -17.19
CA MET A 249 -6.13 -1.46 -17.39
C MET A 249 -4.65 -1.54 -16.99
N THR A 250 -3.79 -0.77 -17.67
CA THR A 250 -2.38 -0.71 -17.30
C THR A 250 -2.11 0.56 -16.49
N ILE A 251 -0.94 0.65 -15.89
CA ILE A 251 -0.63 1.78 -15.04
C ILE A 251 -0.57 3.05 -15.89
N THR A 252 -0.17 2.92 -17.15
CA THR A 252 -0.10 4.07 -18.02
C THR A 252 -1.47 4.63 -18.36
N GLU A 253 -2.42 3.74 -18.65
CA GLU A 253 -3.80 4.13 -18.92
C GLU A 253 -4.43 4.76 -17.66
N PHE A 254 -4.12 4.17 -16.51
CA PHE A 254 -4.62 4.67 -15.24
C PHE A 254 -4.17 6.12 -14.99
N MET A 255 -2.86 6.36 -15.09
CA MET A 255 -2.31 7.67 -14.75
C MET A 255 -2.70 8.74 -15.77
N ASN A 256 -3.24 8.32 -16.91
CA ASN A 256 -3.67 9.24 -17.94
C ASN A 256 -5.16 9.53 -17.92
N HIS A 257 -5.90 8.84 -17.07
CA HIS A 257 -7.34 9.06 -16.94
C HIS A 257 -7.60 10.41 -16.27
N PRO A 258 -8.50 11.23 -16.86
CA PRO A 258 -8.77 12.56 -16.31
C PRO A 258 -9.11 12.57 -14.83
N TRP A 259 -9.64 11.46 -14.32
CA TRP A 259 -10.05 11.38 -12.92
C TRP A 259 -8.84 11.36 -11.99
N ILE A 260 -7.75 10.79 -12.49
CA ILE A 260 -6.50 10.75 -11.74
C ILE A 260 -5.63 11.95 -12.07
N MET A 261 -5.64 12.34 -13.34
CA MET A 261 -4.75 13.37 -13.81
C MET A 261 -5.17 14.72 -13.26
N GLN A 262 -6.48 14.94 -13.20
CA GLN A 262 -7.02 16.18 -12.67
C GLN A 262 -7.78 15.99 -11.38
N SER A 263 -7.18 15.21 -10.49
CA SER A 263 -7.78 14.91 -9.20
C SER A 263 -8.06 16.19 -8.42
N THR A 264 -7.40 17.27 -8.83
CA THR A 264 -7.56 18.59 -8.20
C THR A 264 -8.95 19.17 -8.47
N LYS A 265 -9.55 18.76 -9.59
CA LYS A 265 -10.79 19.34 -10.06
C LYS A 265 -11.90 18.29 -10.11
N VAL A 266 -11.81 17.28 -9.24
CA VAL A 266 -12.83 16.25 -9.16
C VAL A 266 -13.98 16.71 -8.25
N PRO A 267 -15.22 16.29 -8.56
CA PRO A 267 -16.34 16.70 -7.72
C PRO A 267 -16.13 16.31 -6.27
N GLN A 268 -16.38 17.24 -5.36
CA GLN A 268 -16.29 16.92 -3.94
C GLN A 268 -17.54 16.20 -3.43
N THR A 269 -18.00 15.24 -4.22
CA THR A 269 -19.13 14.41 -3.85
C THR A 269 -18.90 13.78 -2.47
N PRO A 270 -19.84 13.97 -1.53
CA PRO A 270 -19.76 13.34 -0.21
C PRO A 270 -19.98 11.83 -0.27
N LEU A 271 -19.14 11.07 0.43
CA LEU A 271 -19.15 9.61 0.32
C LEU A 271 -19.55 8.94 1.63
N HIS A 272 -19.96 7.68 1.55
CA HIS A 272 -20.37 6.92 2.74
C HIS A 272 -19.17 6.26 3.43
N THR A 273 -18.01 6.36 2.80
CA THR A 273 -16.82 5.60 3.19
C THR A 273 -16.52 5.61 4.69
N SER A 274 -16.35 6.79 5.26
CA SER A 274 -15.94 6.89 6.65
C SER A 274 -17.00 6.32 7.59
N ARG A 275 -18.25 6.38 7.16
CA ARG A 275 -19.38 5.99 8.00
C ARG A 275 -19.47 4.47 8.01
N VAL A 276 -19.29 3.87 6.85
CA VAL A 276 -19.34 2.42 6.70
C VAL A 276 -18.13 1.74 7.35
N LEU A 277 -16.98 2.42 7.34
CA LEU A 277 -15.79 1.88 7.98
C LEU A 277 -15.99 1.75 9.48
N LYS A 278 -16.75 2.67 10.06
CA LYS A 278 -17.08 2.60 11.49
C LYS A 278 -18.12 1.52 11.77
N GLU A 279 -19.20 1.50 10.98
CA GLU A 279 -20.26 0.53 11.21
C GLU A 279 -19.76 -0.90 11.07
N ASP A 280 -18.88 -1.14 10.10
CA ASP A 280 -18.48 -2.49 9.75
C ASP A 280 -17.11 -2.88 10.29
N LYS A 281 -16.56 -2.07 11.19
CA LYS A 281 -15.18 -2.26 11.62
C LYS A 281 -14.99 -3.63 12.27
N GLU A 282 -16.10 -4.24 12.67
CA GLU A 282 -16.07 -5.59 13.24
C GLU A 282 -15.56 -6.61 12.24
N ARG A 283 -15.62 -6.28 10.95
CA ARG A 283 -15.25 -7.23 9.91
C ARG A 283 -14.06 -6.77 9.07
N TRP A 284 -13.39 -5.70 9.50
CA TRP A 284 -12.22 -5.19 8.79
C TRP A 284 -11.12 -6.24 8.64
N GLU A 285 -10.87 -7.00 9.69
CA GLU A 285 -9.83 -8.02 9.66
C GLU A 285 -10.19 -9.08 8.65
N ASP A 286 -11.49 -9.28 8.46
CA ASP A 286 -11.96 -10.25 7.49
C ASP A 286 -11.77 -9.73 6.07
N VAL A 287 -12.00 -8.44 5.88
CA VAL A 287 -11.71 -7.83 4.59
C VAL A 287 -10.24 -8.00 4.23
N LYS A 288 -9.37 -7.59 5.15
CA LYS A 288 -7.94 -7.68 4.88
C LYS A 288 -7.54 -9.12 4.57
N GLU A 289 -8.18 -10.06 5.24
CA GLU A 289 -7.89 -11.47 5.02
C GLU A 289 -8.36 -11.92 3.64
N GLU A 290 -9.56 -11.49 3.25
CA GLU A 290 -10.11 -11.88 1.94
C GLU A 290 -9.21 -11.33 0.84
N MET A 291 -8.71 -10.11 1.03
CA MET A 291 -7.81 -9.52 0.06
C MET A 291 -6.44 -10.22 0.04
N THR A 292 -5.95 -10.61 1.21
CA THR A 292 -4.71 -11.36 1.26
C THR A 292 -4.84 -12.71 0.55
N SER A 293 -5.92 -13.43 0.81
CA SER A 293 -6.16 -14.69 0.12
C SER A 293 -6.27 -14.51 -1.38
N ALA A 294 -7.05 -13.51 -1.78
CA ALA A 294 -7.30 -13.27 -3.20
C ALA A 294 -5.99 -12.97 -3.90
N LEU A 295 -5.20 -12.11 -3.26
CA LEU A 295 -3.94 -11.64 -3.80
C LEU A 295 -2.96 -12.79 -4.04
N ALA A 296 -3.01 -13.77 -3.16
CA ALA A 296 -2.21 -14.98 -3.32
C ALA A 296 -2.56 -15.74 -4.60
N THR A 297 -3.81 -15.67 -5.05
CA THR A 297 -4.21 -16.34 -6.29
C THR A 297 -4.10 -15.44 -7.52
N MET A 298 -4.01 -14.13 -7.32
CA MET A 298 -3.89 -13.20 -8.42
C MET A 298 -2.46 -13.13 -8.92
N ARG A 299 -1.50 -13.09 -7.99
CA ARG A 299 -0.10 -12.91 -8.36
C ARG A 299 0.51 -14.23 -8.78
MG MG B . 10.85 7.16 -1.13
N1 HGF C . 5.21 -1.57 8.69
C3 HGF C . 6.18 -0.69 8.36
C4 HGF C . 6.49 0.56 8.96
C5 HGF C . 7.58 1.31 8.39
C6 HGF C . 7.89 2.56 8.97
N8 HGF C . 7.17 3.01 10.04
C9 HGF C . 6.13 2.31 10.60
C10 HGF C . 5.77 1.06 10.05
C12 HGF C . 5.41 2.90 11.77
C13 HGF C . 6.04 3.76 12.70
N15 HGF C . 5.33 4.24 13.76
C16 HGF C . 4.01 3.95 13.98
C18 HGF C . 3.32 3.10 13.09
C19 HGF C . 4.04 2.59 12.00
O21 HGF C . 1.96 2.75 13.23
C22 HGF C . 0.97 2.97 12.21
C25 HGF C . -0.26 2.07 12.46
O28 HGF C . 0.03 0.74 12.01
C29 HGF C . -0.48 -0.29 12.89
C33 HGF C . 8.31 0.80 7.28
C35 HGF C . 7.99 -0.46 6.71
C37 HGF C . 6.93 -1.19 7.28
C38 HGF C . 6.26 -2.52 7.02
C39 HGF C . 5.25 -2.62 7.91
C40 HGF C . 4.31 -3.82 7.99
C43 HGF C . 4.36 -4.66 6.68
N46 HGF C . 5.62 -4.60 5.90
C48 HGF C . 6.53 -3.59 6.04
O49 HGF C . 7.55 -3.58 5.37
#